data_3IQP
#
_entry.id   3IQP
#
_cell.length_a   62.702
_cell.length_b   62.702
_cell.length_c   159.260
_cell.angle_alpha   90.00
_cell.angle_beta   90.00
_cell.angle_gamma   90.00
#
_symmetry.space_group_name_H-M   'P 43 21 2'
#
loop_
_entity.id
_entity.type
_entity.pdbx_description
1 polymer 'SAM-I riboswitch'
2 non-polymer 'BARIUM ION'
3 water water
#
_entity_poly.entity_id   1
_entity_poly.type   'polyribonucleotide'
_entity_poly.pdbx_seq_one_letter_code
;GGCUUAUCAAGAGAGGUGGAGGGACUGGCCCGAUGAAACCCGGCAACCAGAAAUGGUGCCAAUUCCUGCAGCGGAAACGU
UGAAAGAUGAGCCG
;
_entity_poly.pdbx_strand_id   A
#